data_2ORR
#
_entry.id   2ORR
#
_cell.length_a   63.403
_cell.length_b   74.048
_cell.length_c   93.253
_cell.angle_alpha   90.00
_cell.angle_beta   90.00
_cell.angle_gamma   90.00
#
_symmetry.space_group_name_H-M   'P 21 21 21'
#
loop_
_entity.id
_entity.type
_entity.pdbx_description
1 polymer 'Nitric oxide synthase, inducible'
2 non-polymer 'PROTOPORPHYRIN IX CONTAINING FE'
3 non-polymer 4-(1,3-BENZODIOXOL-5-YLOXY)-2-[4-(1H-IMIDAZOL-1-YL)PHENOXY]PYRIMIDINE
4 non-polymer 1,2-ETHANEDIOL
5 water water
#
_entity_poly.entity_id   1
_entity_poly.type   'polypeptide(L)'
_entity_poly.pdbx_seq_one_letter_code
;MNPKSLTRGPRDKPTPLEELLPHAIEFINQYYGSFKEAKIEEHLARLEAVTKEIETTGTYQLTLDELIFATKMAWRNAPR
CIGRIQWSNLQVFDARNCSTAQEMFQHICRHILYATNNGNIRSAITVFPQRSDGKHDFRLWNSQLIRYAGYQMPDGTIRG
DAATLEFTQLCIDLGWKPRYGRFDVLPLVLQADGQDPEVFEIPPDLVLEVTMEHPKYEWFQELGLKWYALPAVANMLLEV
GGLEFPACPFNGWYMGTEIGVRDFCDTQRYNILEEVGRRMGLETHTLASLWKDRAVTEINVAVLHSFQKQNVTIMDHHTA
SESFMKHMQNEYRARGGCPADWIWLVPPVSGSITPVFHQEMLNYVLSPFYYYQIEPWKTHIWQNEHHHH
;
_entity_poly.pdbx_strand_id   A
#
loop_
_chem_comp.id
_chem_comp.type
_chem_comp.name
_chem_comp.formula
333 non-polymer 4-(1,3-BENZODIOXOL-5-YLOXY)-2-[4-(1H-IMIDAZOL-1-YL)PHENOXY]PYRIMIDINE 'C20 H14 N4 O4'
EDO non-polymer 1,2-ETHANEDIOL 'C2 H6 O2'
HEM non-polymer 'PROTOPORPHYRIN IX CONTAINING FE' 'C34 H32 Fe N4 O4'
#
# COMPACT_ATOMS: atom_id res chain seq x y z
N MET A 1 28.72 6.52 9.65
CA MET A 1 27.39 6.72 9.10
C MET A 1 26.32 6.37 10.14
N ASN A 2 25.15 6.99 10.02
CA ASN A 2 24.02 6.68 10.87
C ASN A 2 22.73 6.61 10.06
N PRO A 3 22.67 5.69 9.07
CA PRO A 3 21.42 5.50 8.33
C PRO A 3 20.32 5.01 9.25
N LYS A 4 19.08 5.15 8.82
CA LYS A 4 17.95 4.65 9.59
C LYS A 4 17.54 3.28 9.05
N SER A 5 16.84 2.52 9.89
CA SER A 5 16.25 1.27 9.44
C SER A 5 15.07 1.56 8.52
N LEU A 6 14.97 0.82 7.42
CA LEU A 6 13.87 0.95 6.48
C LEU A 6 12.73 -0.02 6.80
N THR A 7 12.89 -0.78 7.88
CA THR A 7 11.87 -1.73 8.35
C THR A 7 11.21 -1.22 9.65
N ARG A 8 9.90 -1.42 9.78
CA ARG A 8 9.18 -1.05 11.01
C ARG A 8 8.40 -2.27 11.49
N GLY A 9 8.83 -2.84 12.61
CA GLY A 9 8.30 -4.12 13.04
C GLY A 9 6.99 -4.07 13.81
N PRO A 10 6.53 -5.23 14.33
CA PRO A 10 5.29 -5.33 15.11
C PRO A 10 5.43 -4.73 16.51
N ARG A 11 4.29 -4.51 17.15
CA ARG A 11 4.25 -4.11 18.55
C ARG A 11 3.29 -5.06 19.28
N ASP A 12 3.34 -5.07 20.61
CA ASP A 12 2.38 -5.85 21.38
C ASP A 12 1.59 -4.96 22.33
N LYS A 13 1.87 -3.66 22.29
CA LYS A 13 1.10 -2.69 23.06
C LYS A 13 1.00 -1.37 22.31
N PRO A 14 0.00 -0.55 22.64
CA PRO A 14 -0.19 0.73 21.97
C PRO A 14 1.06 1.59 22.08
N THR A 15 1.21 2.53 21.15
CA THR A 15 2.31 3.49 21.22
C THR A 15 2.08 4.41 22.41
N PRO A 16 3.11 4.59 23.26
CA PRO A 16 2.98 5.44 24.44
C PRO A 16 2.70 6.90 24.06
N LEU A 17 1.85 7.55 24.83
CA LEU A 17 1.40 8.91 24.54
C LEU A 17 2.57 9.87 24.46
N GLU A 18 3.57 9.66 25.31
CA GLU A 18 4.72 10.56 25.34
C GLU A 18 5.53 10.44 24.07
N GLU A 19 5.30 9.36 23.33
CA GLU A 19 5.98 9.16 22.05
C GLU A 19 5.09 9.64 20.91
N LEU A 20 3.81 9.27 20.98
CA LEU A 20 2.86 9.58 19.91
C LEU A 20 2.62 11.08 19.79
N LEU A 21 2.49 11.74 20.93
CA LEU A 21 2.08 13.14 20.98
C LEU A 21 2.98 14.04 20.13
N PRO A 22 4.29 14.03 20.37
CA PRO A 22 5.20 14.90 19.60
C PRO A 22 5.18 14.59 18.10
N HIS A 23 5.03 13.33 17.75
CA HIS A 23 4.92 12.93 16.34
C HIS A 23 3.66 13.46 15.69
N ALA A 24 2.56 13.39 16.42
CA ALA A 24 1.29 13.88 15.91
C ALA A 24 1.39 15.38 15.65
N ILE A 25 1.91 16.10 16.63
CA ILE A 25 2.09 17.55 16.50
C ILE A 25 2.98 17.93 15.32
N GLU A 26 4.04 17.15 15.10
CA GLU A 26 4.94 17.50 14.01
C GLU A 26 4.25 17.30 12.68
N PHE A 27 3.43 16.26 12.57
CA PHE A 27 2.69 16.02 11.33
C PHE A 27 1.63 17.09 11.09
N ILE A 28 0.87 17.43 12.13
CA ILE A 28 -0.14 18.47 11.99
C ILE A 28 0.54 19.73 11.49
N ASN A 29 1.75 19.99 11.96
CA ASN A 29 2.49 21.17 11.52
C ASN A 29 2.82 21.11 10.03
N GLN A 30 3.30 19.97 9.55
CA GLN A 30 3.70 19.92 8.16
C GLN A 30 2.47 19.96 7.25
N TYR A 31 1.35 19.40 7.72
CA TYR A 31 0.09 19.51 6.99
C TYR A 31 -0.34 20.96 6.84
N TYR A 32 -0.47 21.68 7.95
CA TYR A 32 -0.94 23.06 7.89
C TYR A 32 0.09 24.00 7.30
N GLY A 33 1.36 23.63 7.40
CA GLY A 33 2.40 24.42 6.77
C GLY A 33 2.28 24.40 5.26
N SER A 34 1.59 23.39 4.73
CA SER A 34 1.40 23.27 3.29
C SER A 34 0.38 24.30 2.82
N PHE A 35 -0.08 25.14 3.74
CA PHE A 35 -0.98 26.24 3.43
C PHE A 35 -0.32 27.59 3.62
N LYS A 36 1.00 27.57 3.83
CA LYS A 36 1.80 28.78 3.95
C LYS A 36 1.26 29.70 5.06
N GLU A 37 0.78 30.87 4.67
CA GLU A 37 0.33 31.86 5.64
C GLU A 37 -1.12 31.65 6.08
N ALA A 38 -1.80 30.69 5.46
CA ALA A 38 -3.22 30.49 5.70
C ALA A 38 -3.53 29.53 6.84
N LYS A 39 -4.64 29.76 7.53
CA LYS A 39 -5.22 28.81 8.46
C LYS A 39 -4.43 28.58 9.74
N ILE A 40 -4.01 29.67 10.39
CA ILE A 40 -3.31 29.57 11.66
C ILE A 40 -4.27 29.13 12.78
N GLU A 41 -5.46 29.72 12.80
CA GLU A 41 -6.44 29.39 13.81
C GLU A 41 -6.93 27.96 13.63
N GLU A 42 -6.96 27.50 12.38
CA GLU A 42 -7.42 26.14 12.09
C GLU A 42 -6.34 25.16 12.56
N HIS A 43 -5.09 25.56 12.39
CA HIS A 43 -3.96 24.75 12.82
C HIS A 43 -4.02 24.54 14.35
N LEU A 44 -4.24 25.62 15.09
CA LEU A 44 -4.26 25.55 16.53
C LEU A 44 -5.44 24.72 17.03
N ALA A 45 -6.61 24.92 16.42
CA ALA A 45 -7.78 24.14 16.78
C ALA A 45 -7.55 22.64 16.57
N ARG A 46 -6.86 22.28 15.49
CA ARG A 46 -6.61 20.87 15.21
C ARG A 46 -5.60 20.31 16.22
N LEU A 47 -4.57 21.08 16.54
CA LEU A 47 -3.60 20.68 17.55
C LEU A 47 -4.30 20.38 18.87
N GLU A 48 -5.21 21.25 19.25
CA GLU A 48 -5.92 21.11 20.52
C GLU A 48 -6.82 19.88 20.49
N ALA A 49 -7.47 19.65 19.35
CA ALA A 49 -8.43 18.54 19.23
C ALA A 49 -7.74 17.18 19.19
N VAL A 50 -6.59 17.11 18.54
CA VAL A 50 -5.81 15.87 18.46
C VAL A 50 -5.23 15.50 19.81
N THR A 51 -4.79 16.50 20.56
CA THR A 51 -4.14 16.27 21.84
C THR A 51 -5.14 15.69 22.83
N LYS A 52 -6.34 16.27 22.86
CA LYS A 52 -7.38 15.80 23.76
C LYS A 52 -7.86 14.42 23.36
N GLU A 53 -7.82 14.14 22.06
CA GLU A 53 -8.26 12.84 21.57
C GLU A 53 -7.25 11.77 21.94
N ILE A 54 -5.97 12.12 21.88
CA ILE A 54 -4.90 11.21 22.29
C ILE A 54 -4.94 10.99 23.80
N GLU A 55 -5.18 12.05 24.55
CA GLU A 55 -5.20 11.97 26.00
C GLU A 55 -6.41 11.21 26.53
N THR A 56 -7.49 11.20 25.74
CA THR A 56 -8.71 10.52 26.17
C THR A 56 -8.88 9.12 25.58
N THR A 57 -8.41 8.91 24.35
CA THR A 57 -8.62 7.62 23.69
C THR A 57 -7.33 6.82 23.54
N GLY A 58 -6.20 7.47 23.81
CA GLY A 58 -4.93 6.80 23.63
C GLY A 58 -4.37 6.93 22.22
N THR A 59 -5.20 7.34 21.27
CA THR A 59 -4.74 7.53 19.89
C THR A 59 -5.53 8.66 19.25
N TYR A 60 -5.42 8.80 17.93
CA TYR A 60 -6.24 9.77 17.22
C TYR A 60 -6.49 9.35 15.78
N GLN A 61 -7.46 9.99 15.14
CA GLN A 61 -7.81 9.66 13.77
C GLN A 61 -7.48 10.81 12.83
N LEU A 62 -6.89 10.50 11.69
CA LEU A 62 -6.62 11.51 10.66
C LEU A 62 -7.93 11.87 9.99
N THR A 63 -8.04 13.12 9.52
CA THR A 63 -9.13 13.49 8.63
C THR A 63 -8.79 12.89 7.26
N LEU A 64 -9.77 12.71 6.39
CA LEU A 64 -9.42 12.08 5.12
C LEU A 64 -8.50 12.99 4.34
N ASP A 65 -8.64 14.29 4.54
CA ASP A 65 -7.76 15.24 3.88
C ASP A 65 -6.32 15.10 4.36
N GLU A 66 -6.16 14.89 5.66
CA GLU A 66 -4.83 14.65 6.22
C GLU A 66 -4.28 13.32 5.73
N LEU A 67 -5.16 12.34 5.55
CA LEU A 67 -4.71 11.02 5.08
C LEU A 67 -4.22 11.08 3.64
N ILE A 68 -4.94 11.81 2.80
CA ILE A 68 -4.57 11.96 1.39
C ILE A 68 -3.21 12.65 1.29
N PHE A 69 -3.06 13.74 2.05
CA PHE A 69 -1.77 14.42 2.16
C PHE A 69 -0.65 13.47 2.61
N ALA A 70 -0.88 12.66 3.63
CA ALA A 70 0.15 11.75 4.13
C ALA A 70 0.57 10.74 3.08
N THR A 71 -0.39 10.18 2.36
CA THR A 71 -0.05 9.14 1.40
C THR A 71 0.79 9.73 0.26
N LYS A 72 0.49 10.97 -0.14
CA LYS A 72 1.22 11.62 -1.23
C LYS A 72 2.63 12.07 -0.81
N MET A 73 2.77 12.54 0.43
CA MET A 73 4.07 12.94 0.95
C MET A 73 4.96 11.73 1.21
N ALA A 74 4.38 10.62 1.67
CA ALA A 74 5.17 9.42 1.89
C ALA A 74 5.72 8.94 0.54
N TRP A 75 4.93 9.12 -0.52
CA TRP A 75 5.34 8.74 -1.87
C TRP A 75 6.48 9.66 -2.31
N ARG A 76 6.30 10.96 -2.09
CA ARG A 76 7.36 11.93 -2.36
C ARG A 76 8.64 11.57 -1.61
N ASN A 77 8.51 11.05 -0.39
CA ASN A 77 9.66 10.68 0.45
C ASN A 77 10.25 9.30 0.14
N ALA A 78 9.73 8.61 -0.86
CA ALA A 78 10.27 7.31 -1.23
C ALA A 78 11.51 7.47 -2.12
N PRO A 79 12.70 7.15 -1.58
CA PRO A 79 13.98 7.46 -2.22
C PRO A 79 14.17 6.79 -3.59
N ARG A 80 13.76 5.53 -3.69
CA ARG A 80 14.01 4.76 -4.92
C ARG A 80 12.88 4.82 -5.95
N CYS A 81 11.78 5.48 -5.63
CA CYS A 81 10.64 5.46 -6.54
C CYS A 81 10.79 6.50 -7.64
N ILE A 82 10.97 6.03 -8.87
CA ILE A 82 11.06 6.94 -10.02
C ILE A 82 9.74 7.67 -10.19
N GLY A 83 8.65 7.00 -9.80
CA GLY A 83 7.33 7.56 -10.00
C GLY A 83 7.00 8.77 -9.14
N ARG A 84 7.81 9.01 -8.10
CA ARG A 84 7.50 10.05 -7.13
C ARG A 84 7.60 11.46 -7.69
N ILE A 85 8.09 11.58 -8.93
CA ILE A 85 8.18 12.89 -9.56
C ILE A 85 6.77 13.46 -9.81
N GLN A 86 5.79 12.58 -10.00
CA GLN A 86 4.41 13.02 -10.18
C GLN A 86 3.50 12.58 -9.04
N TRP A 87 3.92 12.88 -7.80
CA TRP A 87 3.30 12.35 -6.59
C TRP A 87 1.86 12.79 -6.35
N SER A 88 1.41 13.83 -7.04
CA SER A 88 0.05 14.31 -6.85
C SER A 88 -0.99 13.48 -7.61
N ASN A 89 -0.53 12.69 -8.59
CA ASN A 89 -1.42 11.78 -9.31
C ASN A 89 -1.63 10.49 -8.52
N LEU A 90 -2.40 10.55 -7.44
CA LEU A 90 -2.65 9.38 -6.61
C LEU A 90 -4.10 9.35 -6.14
N GLN A 91 -4.81 8.27 -6.46
CA GLN A 91 -6.17 8.08 -5.95
C GLN A 91 -6.10 7.32 -4.63
N VAL A 92 -6.75 7.85 -3.60
CA VAL A 92 -6.78 7.22 -2.29
C VAL A 92 -8.14 6.55 -2.05
N PHE A 93 -8.13 5.29 -1.63
CA PHE A 93 -9.35 4.63 -1.17
C PHE A 93 -9.31 4.44 0.34
N ASP A 94 -10.29 5.00 1.03
CA ASP A 94 -10.29 4.98 2.49
C ASP A 94 -11.04 3.75 3.00
N ALA A 95 -10.30 2.75 3.47
CA ALA A 95 -10.90 1.52 4.01
C ALA A 95 -10.67 1.40 5.52
N ARG A 96 -10.54 2.53 6.20
CA ARG A 96 -10.20 2.53 7.61
C ARG A 96 -11.34 2.02 8.51
N ASN A 97 -12.52 1.85 7.95
CA ASN A 97 -13.63 1.28 8.70
C ASN A 97 -13.81 -0.21 8.39
N CYS A 98 -12.81 -0.80 7.74
CA CYS A 98 -12.86 -2.22 7.37
C CYS A 98 -12.77 -3.10 8.62
N SER A 99 -13.52 -4.19 8.66
CA SER A 99 -13.48 -5.06 9.83
C SER A 99 -13.17 -6.54 9.57
N THR A 100 -13.49 -7.05 8.38
CA THR A 100 -13.28 -8.46 8.10
C THR A 100 -12.42 -8.70 6.86
N ALA A 101 -11.90 -9.91 6.74
CA ALA A 101 -11.10 -10.31 5.58
C ALA A 101 -11.94 -10.28 4.30
N GLN A 102 -13.22 -10.63 4.40
CA GLN A 102 -14.12 -10.57 3.26
C GLN A 102 -14.28 -9.14 2.76
N GLU A 103 -14.40 -8.19 3.68
CA GLU A 103 -14.44 -6.77 3.32
C GLU A 103 -13.11 -6.32 2.73
N MET A 104 -12.00 -6.79 3.30
CA MET A 104 -10.68 -6.47 2.75
C MET A 104 -10.66 -6.93 1.29
N PHE A 105 -11.14 -8.14 1.05
CA PHE A 105 -11.17 -8.70 -0.29
C PHE A 105 -11.91 -7.79 -1.28
N GLN A 106 -13.07 -7.27 -0.87
CA GLN A 106 -13.85 -6.41 -1.75
C GLN A 106 -13.15 -5.08 -2.02
N HIS A 107 -12.47 -4.54 -1.01
CA HIS A 107 -11.73 -3.30 -1.20
C HIS A 107 -10.63 -3.53 -2.23
N ILE A 108 -9.93 -4.65 -2.12
CA ILE A 108 -8.84 -4.97 -3.03
C ILE A 108 -9.34 -5.17 -4.46
N CYS A 109 -10.50 -5.80 -4.62
CA CYS A 109 -11.10 -5.95 -5.95
C CYS A 109 -11.39 -4.59 -6.58
N ARG A 110 -11.91 -3.70 -5.75
CA ARG A 110 -12.21 -2.32 -6.16
C ARG A 110 -10.93 -1.65 -6.66
N HIS A 111 -9.86 -1.74 -5.86
CA HIS A 111 -8.55 -1.18 -6.20
C HIS A 111 -8.07 -1.73 -7.55
N ILE A 112 -8.04 -3.05 -7.67
CA ILE A 112 -7.49 -3.65 -8.89
C ILE A 112 -8.27 -3.17 -10.11
N LEU A 113 -9.60 -3.11 -9.98
CA LEU A 113 -10.47 -2.66 -11.05
C LEU A 113 -10.13 -1.23 -11.48
N TYR A 114 -10.11 -0.33 -10.50
CA TYR A 114 -9.88 1.08 -10.76
C TYR A 114 -8.51 1.32 -11.35
N ALA A 115 -7.50 0.69 -10.76
CA ALA A 115 -6.11 0.93 -11.16
C ALA A 115 -5.79 0.34 -12.52
N THR A 116 -6.41 -0.80 -12.83
CA THR A 116 -6.14 -1.46 -14.11
C THR A 116 -6.80 -0.66 -15.24
N ASN A 117 -8.05 -0.26 -15.02
CA ASN A 117 -8.73 0.66 -15.93
C ASN A 117 -8.55 0.16 -17.37
N ASN A 118 -8.76 -1.14 -17.56
CA ASN A 118 -8.68 -1.76 -18.88
C ASN A 118 -7.35 -1.47 -19.58
N GLY A 119 -6.30 -1.20 -18.81
CA GLY A 119 -4.97 -1.02 -19.41
C GLY A 119 -4.44 0.38 -19.24
N ASN A 120 -5.33 1.36 -19.17
CA ASN A 120 -4.92 2.74 -18.97
C ASN A 120 -4.66 2.98 -17.47
N ILE A 121 -3.51 2.49 -17.00
CA ILE A 121 -3.27 2.29 -15.56
C ILE A 121 -3.36 3.61 -14.79
N ARG A 122 -3.98 3.55 -13.60
CA ARG A 122 -4.01 4.69 -12.70
C ARG A 122 -3.39 4.31 -11.35
N SER A 123 -2.60 5.22 -10.77
CA SER A 123 -2.01 4.99 -9.46
C SER A 123 -3.04 5.14 -8.33
N ALA A 124 -3.00 4.24 -7.37
CA ALA A 124 -3.99 4.21 -6.31
C ALA A 124 -3.39 3.62 -5.04
N ILE A 125 -3.93 4.00 -3.89
CA ILE A 125 -3.54 3.37 -2.64
C ILE A 125 -4.83 3.13 -1.87
N THR A 126 -4.92 1.97 -1.21
CA THR A 126 -6.05 1.67 -0.33
C THR A 126 -5.56 1.52 1.11
N VAL A 127 -6.13 2.30 2.03
CA VAL A 127 -5.60 2.37 3.39
C VAL A 127 -6.56 1.70 4.37
N PHE A 128 -6.10 0.61 4.98
CA PHE A 128 -6.92 -0.13 5.92
C PHE A 128 -6.69 0.42 7.34
N PRO A 129 -7.37 -0.16 8.36
CA PRO A 129 -7.28 0.42 9.71
C PRO A 129 -5.85 0.51 10.26
N GLN A 130 -5.55 1.63 10.92
CA GLN A 130 -4.26 1.79 11.57
C GLN A 130 -4.07 0.78 12.70
N ARG A 131 -2.82 0.57 13.07
CA ARG A 131 -2.47 -0.31 14.17
C ARG A 131 -3.00 0.28 15.49
N SER A 132 -3.62 -0.57 16.32
CA SER A 132 -4.04 -0.14 17.66
C SER A 132 -3.03 -0.62 18.69
N ASP A 133 -3.26 -1.80 19.26
CA ASP A 133 -2.31 -2.36 20.21
C ASP A 133 -1.29 -3.27 19.53
N GLY A 134 -1.46 -3.49 18.23
CA GLY A 134 -0.50 -4.32 17.51
C GLY A 134 -0.83 -5.79 17.54
N LYS A 135 -1.91 -6.14 18.23
CA LYS A 135 -2.39 -7.52 18.27
C LYS A 135 -3.57 -7.71 17.32
N HIS A 136 -4.01 -6.60 16.70
CA HIS A 136 -5.16 -6.64 15.82
C HIS A 136 -4.82 -6.13 14.42
N ASP A 137 -3.58 -6.35 14.00
CA ASP A 137 -3.08 -5.83 12.72
C ASP A 137 -3.87 -6.36 11.52
N PHE A 138 -4.18 -5.46 10.58
CA PHE A 138 -4.53 -5.85 9.22
C PHE A 138 -3.23 -5.98 8.41
N ARG A 139 -3.12 -7.06 7.65
CA ARG A 139 -1.95 -7.30 6.79
C ARG A 139 -2.36 -8.04 5.52
N LEU A 140 -1.70 -7.72 4.41
CA LEU A 140 -1.69 -8.60 3.25
C LEU A 140 -0.39 -9.40 3.28
N TRP A 141 -0.51 -10.72 3.23
CA TRP A 141 0.67 -11.57 3.30
C TRP A 141 1.40 -11.64 1.97
N ASN A 142 0.70 -11.28 0.90
CA ASN A 142 1.31 -11.19 -0.43
C ASN A 142 2.36 -10.07 -0.46
N SER A 143 3.36 -10.20 -1.34
CA SER A 143 4.30 -9.10 -1.55
C SER A 143 3.74 -8.12 -2.61
N GLN A 144 2.98 -8.67 -3.56
CA GLN A 144 2.27 -7.88 -4.54
C GLN A 144 0.83 -8.38 -4.67
N LEU A 145 -0.08 -7.52 -5.11
CA LEU A 145 -1.48 -7.91 -5.25
C LEU A 145 -1.60 -9.01 -6.30
N ILE A 146 -0.89 -8.82 -7.41
CA ILE A 146 -0.86 -9.80 -8.50
C ILE A 146 0.55 -10.34 -8.67
N ARG A 147 0.70 -11.66 -8.56
CA ARG A 147 1.98 -12.31 -8.80
C ARG A 147 1.77 -13.77 -9.13
N TYR A 148 2.66 -14.36 -9.94
CA TYR A 148 2.52 -15.75 -10.32
C TYR A 148 3.13 -16.70 -9.29
N ALA A 149 2.52 -17.87 -9.14
CA ALA A 149 3.02 -18.89 -8.23
C ALA A 149 4.31 -19.50 -8.76
N GLY A 150 5.15 -19.99 -7.86
CA GLY A 150 6.35 -20.67 -8.26
C GLY A 150 6.42 -22.04 -7.61
N TYR A 151 6.86 -23.04 -8.37
CA TYR A 151 6.89 -24.41 -7.86
C TYR A 151 8.29 -25.00 -7.96
N THR A 157 13.93 -28.41 -10.80
CA THR A 157 13.19 -27.82 -11.90
C THR A 157 12.08 -26.90 -11.39
N ILE A 158 12.23 -25.61 -11.64
CA ILE A 158 11.25 -24.62 -11.19
C ILE A 158 10.20 -24.34 -12.27
N ARG A 159 8.95 -24.19 -11.82
CA ARG A 159 7.85 -23.87 -12.71
C ARG A 159 7.13 -22.63 -12.18
N GLY A 160 7.18 -21.54 -12.94
CA GLY A 160 6.58 -20.30 -12.50
C GLY A 160 7.61 -19.30 -12.00
N ASP A 161 7.20 -18.44 -11.07
CA ASP A 161 8.09 -17.43 -10.53
C ASP A 161 8.94 -18.02 -9.39
N ALA A 162 10.24 -17.82 -9.49
CA ALA A 162 11.17 -18.43 -8.53
C ALA A 162 11.11 -17.73 -7.18
N ALA A 163 10.80 -16.44 -7.18
CA ALA A 163 10.82 -15.64 -5.97
C ALA A 163 9.60 -15.85 -5.08
N THR A 164 8.65 -16.67 -5.53
CA THR A 164 7.44 -16.90 -4.76
C THR A 164 7.37 -18.30 -4.16
N LEU A 165 8.36 -19.13 -4.49
CA LEU A 165 8.39 -20.52 -4.06
C LEU A 165 7.94 -20.70 -2.60
N GLU A 166 8.45 -19.85 -1.72
CA GLU A 166 8.13 -19.94 -0.30
C GLU A 166 6.68 -19.58 -0.04
N PHE A 167 6.23 -18.47 -0.62
CA PHE A 167 4.86 -18.00 -0.43
C PHE A 167 3.87 -18.97 -1.07
N THR A 168 4.22 -19.50 -2.24
CA THR A 168 3.37 -20.48 -2.92
C THR A 168 3.13 -21.68 -2.03
N GLN A 169 4.19 -22.21 -1.44
CA GLN A 169 4.07 -23.37 -0.55
C GLN A 169 3.19 -22.98 0.62
N LEU A 170 3.31 -21.73 1.06
CA LEU A 170 2.52 -21.22 2.17
C LEU A 170 1.03 -21.25 1.86
N CYS A 171 0.67 -20.84 0.65
CA CYS A 171 -0.73 -20.87 0.22
C CYS A 171 -1.24 -22.30 0.19
N ILE A 172 -0.45 -23.19 -0.40
CA ILE A 172 -0.76 -24.61 -0.42
C ILE A 172 -1.00 -25.15 0.99
N ASP A 173 -0.13 -24.77 1.92
CA ASP A 173 -0.30 -25.18 3.32
C ASP A 173 -1.63 -24.70 3.88
N LEU A 174 -2.13 -23.57 3.37
CA LEU A 174 -3.35 -22.95 3.89
C LEU A 174 -4.61 -23.44 3.18
N GLY A 175 -4.45 -24.43 2.31
CA GLY A 175 -5.61 -25.05 1.69
C GLY A 175 -5.81 -24.67 0.25
N TRP A 176 -4.92 -23.83 -0.28
CA TRP A 176 -5.02 -23.42 -1.67
C TRP A 176 -4.68 -24.58 -2.59
N LYS A 177 -5.55 -24.84 -3.55
CA LYS A 177 -5.36 -25.95 -4.48
C LYS A 177 -4.60 -25.47 -5.72
N PRO A 178 -3.33 -25.85 -5.83
CA PRO A 178 -2.46 -25.42 -6.93
C PRO A 178 -2.74 -26.14 -8.25
N ARG A 179 -2.84 -25.36 -9.33
CA ARG A 179 -2.48 -25.86 -10.64
C ARG A 179 -0.96 -25.89 -10.66
N TYR A 180 -0.37 -26.36 -11.75
CA TYR A 180 1.08 -26.39 -11.83
C TYR A 180 1.60 -25.72 -13.10
N GLY A 181 0.86 -24.72 -13.57
CA GLY A 181 1.31 -23.94 -14.69
C GLY A 181 2.45 -23.02 -14.29
N ARG A 182 2.94 -22.22 -15.23
CA ARG A 182 3.99 -21.25 -14.93
C ARG A 182 3.45 -19.82 -14.86
N PHE A 183 2.14 -19.67 -15.03
CA PHE A 183 1.49 -18.37 -14.88
C PHE A 183 0.23 -18.47 -14.04
N ASP A 184 0.29 -19.20 -12.94
CA ASP A 184 -0.84 -19.26 -12.00
C ASP A 184 -0.81 -18.03 -11.10
N VAL A 185 -1.86 -17.22 -11.15
CA VAL A 185 -1.95 -16.07 -10.27
C VAL A 185 -2.21 -16.51 -8.83
N LEU A 186 -1.32 -16.10 -7.93
CA LEU A 186 -1.45 -16.43 -6.52
C LEU A 186 -2.74 -15.87 -5.94
N PRO A 187 -3.30 -16.54 -4.92
CA PRO A 187 -4.49 -16.02 -4.25
C PRO A 187 -4.08 -14.88 -3.31
N LEU A 188 -5.05 -14.09 -2.87
CA LEU A 188 -4.79 -13.10 -1.82
C LEU A 188 -4.85 -13.78 -0.47
N VAL A 189 -3.86 -13.54 0.37
CA VAL A 189 -3.87 -14.08 1.72
C VAL A 189 -4.04 -12.91 2.70
N LEU A 190 -5.21 -12.83 3.32
CA LEU A 190 -5.61 -11.60 4.00
C LEU A 190 -5.85 -11.81 5.49
N GLN A 191 -5.17 -11.01 6.30
CA GLN A 191 -5.34 -11.03 7.74
C GLN A 191 -6.10 -9.78 8.18
N ALA A 192 -7.18 -9.98 8.91
CA ALA A 192 -7.97 -8.86 9.41
C ALA A 192 -8.05 -8.90 10.94
N ASP A 193 -7.88 -7.74 11.56
CA ASP A 193 -8.00 -7.61 13.00
C ASP A 193 -7.12 -8.60 13.76
N GLY A 194 -5.97 -8.96 13.17
CA GLY A 194 -5.04 -9.82 13.85
C GLY A 194 -5.32 -11.31 13.73
N GLN A 195 -6.40 -11.67 13.06
CA GLN A 195 -6.80 -13.07 12.96
C GLN A 195 -5.91 -13.85 12.00
N ASP A 196 -6.03 -15.18 12.01
CA ASP A 196 -5.35 -15.99 11.02
C ASP A 196 -5.78 -15.53 9.65
N PRO A 197 -4.86 -15.56 8.67
CA PRO A 197 -5.19 -15.12 7.30
C PRO A 197 -6.23 -16.03 6.66
N GLU A 198 -6.99 -15.48 5.71
CA GLU A 198 -7.87 -16.29 4.89
C GLU A 198 -7.47 -16.15 3.41
N VAL A 199 -7.77 -17.16 2.61
CA VAL A 199 -7.29 -17.24 1.24
C VAL A 199 -8.42 -16.87 0.27
N PHE A 200 -8.13 -15.96 -0.66
CA PHE A 200 -9.13 -15.52 -1.64
C PHE A 200 -8.55 -15.55 -3.04
N GLU A 201 -9.12 -16.37 -3.92
CA GLU A 201 -8.75 -16.33 -5.32
C GLU A 201 -9.17 -14.99 -5.90
N ILE A 202 -8.29 -14.36 -6.66
CA ILE A 202 -8.64 -13.15 -7.40
C ILE A 202 -9.44 -13.55 -8.63
N PRO A 203 -10.63 -12.94 -8.83
CA PRO A 203 -11.41 -13.24 -10.02
C PRO A 203 -10.60 -13.01 -11.29
N PRO A 204 -10.46 -14.05 -12.12
CA PRO A 204 -9.58 -14.00 -13.29
C PRO A 204 -9.83 -12.80 -14.18
N ASP A 205 -11.08 -12.37 -14.26
CA ASP A 205 -11.44 -11.25 -15.14
C ASP A 205 -10.80 -9.95 -14.64
N LEU A 206 -10.37 -9.93 -13.38
CA LEU A 206 -9.76 -8.73 -12.80
C LEU A 206 -8.28 -8.60 -13.14
N VAL A 207 -7.71 -9.67 -13.69
CA VAL A 207 -6.29 -9.70 -13.98
C VAL A 207 -6.02 -9.47 -15.46
N LEU A 208 -5.55 -8.27 -15.79
CA LEU A 208 -5.17 -7.95 -17.15
C LEU A 208 -3.75 -8.41 -17.40
N GLU A 209 -3.53 -9.11 -18.52
CA GLU A 209 -2.21 -9.62 -18.85
C GLU A 209 -1.77 -9.18 -20.24
N VAL A 210 -0.46 -8.94 -20.39
CA VAL A 210 0.12 -8.58 -21.67
C VAL A 210 0.79 -9.79 -22.30
N THR A 211 0.43 -10.09 -23.55
CA THR A 211 1.01 -11.21 -24.28
C THR A 211 2.24 -10.75 -25.06
N MET A 212 3.37 -11.42 -24.83
CA MET A 212 4.63 -10.99 -25.41
C MET A 212 4.78 -11.39 -26.88
N GLU A 213 4.70 -10.41 -27.77
CA GLU A 213 4.86 -10.64 -29.20
C GLU A 213 5.95 -9.74 -29.78
N LEU A 225 4.36 -17.12 -23.41
CA LEU A 225 4.94 -16.15 -22.49
C LEU A 225 4.08 -14.91 -22.34
N LYS A 226 3.92 -14.46 -21.08
CA LYS A 226 3.08 -13.31 -20.79
C LYS A 226 3.40 -12.75 -19.40
N TRP A 227 2.80 -11.61 -19.07
CA TRP A 227 3.00 -11.00 -17.76
C TRP A 227 1.83 -10.11 -17.36
N TYR A 228 1.62 -9.94 -16.06
CA TYR A 228 0.50 -9.15 -15.58
C TYR A 228 0.81 -7.65 -15.70
N ALA A 229 -0.21 -6.86 -16.01
CA ALA A 229 -0.03 -5.45 -16.33
C ALA A 229 0.04 -4.53 -15.10
N LEU A 230 -0.47 -4.99 -13.96
CA LEU A 230 -0.53 -4.12 -12.77
C LEU A 230 0.51 -4.50 -11.71
N PRO A 231 1.52 -3.63 -11.50
CA PRO A 231 2.51 -3.78 -10.44
C PRO A 231 2.05 -3.08 -9.17
N ALA A 232 1.63 -3.85 -8.17
CA ALA A 232 1.08 -3.31 -6.94
C ALA A 232 1.79 -3.89 -5.72
N VAL A 233 2.39 -3.02 -4.91
CA VAL A 233 3.09 -3.45 -3.71
C VAL A 233 2.07 -3.63 -2.60
N ALA A 234 2.07 -4.80 -1.97
CA ALA A 234 0.98 -5.15 -1.07
C ALA A 234 1.37 -5.14 0.41
N ASN A 235 2.67 -5.06 0.69
CA ASN A 235 3.17 -5.50 1.99
C ASN A 235 3.89 -4.44 2.81
N MET A 236 3.80 -3.18 2.41
CA MET A 236 4.48 -2.14 3.17
C MET A 236 3.60 -1.47 4.22
N LEU A 237 4.22 -0.64 5.05
CA LEU A 237 3.53 0.01 6.16
C LEU A 237 3.69 1.52 6.00
N LEU A 238 2.57 2.24 6.08
CA LEU A 238 2.61 3.70 6.03
C LEU A 238 2.66 4.25 7.45
N GLU A 239 3.68 5.06 7.72
CA GLU A 239 3.79 5.76 8.99
C GLU A 239 3.48 7.23 8.78
N VAL A 240 2.67 7.78 9.68
CA VAL A 240 2.30 9.20 9.60
C VAL A 240 1.93 9.73 10.98
N GLY A 241 2.66 10.74 11.45
CA GLY A 241 2.35 11.37 12.73
C GLY A 241 2.30 10.40 13.89
N GLY A 242 3.17 9.40 13.87
CA GLY A 242 3.20 8.41 14.95
C GLY A 242 2.23 7.26 14.75
N LEU A 243 1.31 7.39 13.79
CA LEU A 243 0.39 6.31 13.46
C LEU A 243 1.01 5.35 12.45
N GLU A 244 0.64 4.08 12.54
CA GLU A 244 1.16 3.04 11.64
C GLU A 244 -0.01 2.33 10.94
N PHE A 245 0.09 2.20 9.62
CA PHE A 245 -0.92 1.49 8.82
C PHE A 245 -0.24 0.31 8.12
N PRO A 246 -0.23 -0.87 8.76
CA PRO A 246 0.49 -2.05 8.25
C PRO A 246 -0.16 -2.73 7.04
N ALA A 247 -1.35 -2.28 6.66
CA ALA A 247 -1.98 -2.73 5.41
C ALA A 247 -2.34 -1.50 4.58
N CYS A 248 -1.63 -1.33 3.46
CA CYS A 248 -1.86 -0.18 2.60
C CYS A 248 -1.32 -0.40 1.20
N PRO A 249 -1.90 -1.37 0.47
CA PRO A 249 -1.41 -1.68 -0.87
C PRO A 249 -1.49 -0.49 -1.80
N PHE A 250 -0.47 -0.32 -2.63
CA PHE A 250 -0.48 0.71 -3.65
C PHE A 250 0.04 0.16 -4.98
N ASN A 251 -0.19 0.91 -6.06
CA ASN A 251 0.30 0.50 -7.37
C ASN A 251 0.75 1.70 -8.16
N GLY A 252 1.73 1.48 -9.03
CA GLY A 252 1.98 2.43 -10.10
C GLY A 252 1.83 1.70 -11.43
N TRP A 253 2.70 1.99 -12.38
CA TRP A 253 2.79 1.20 -13.61
C TRP A 253 4.24 0.86 -13.88
N TYR A 254 4.47 -0.07 -14.81
CA TYR A 254 5.83 -0.55 -15.07
C TYR A 254 6.71 0.54 -15.66
N MET A 255 8.01 0.39 -15.47
CA MET A 255 8.99 1.29 -16.09
C MET A 255 9.16 0.99 -17.57
N VAL A 301 13.29 -4.25 -25.78
CA VAL A 301 12.84 -5.62 -25.54
C VAL A 301 11.47 -5.83 -26.20
N ALA A 302 11.04 -7.08 -26.26
CA ALA A 302 9.72 -7.41 -26.80
C ALA A 302 8.61 -6.96 -25.85
N VAL A 303 8.97 -6.80 -24.58
CA VAL A 303 8.02 -6.35 -23.57
C VAL A 303 7.62 -4.91 -23.85
N LEU A 304 8.61 -4.08 -24.18
CA LEU A 304 8.38 -2.67 -24.48
C LEU A 304 7.36 -2.54 -25.62
N HIS A 305 7.41 -3.48 -26.55
CA HIS A 305 6.53 -3.47 -27.72
C HIS A 305 5.15 -4.04 -27.39
N SER A 306 5.13 -5.07 -26.56
CA SER A 306 3.89 -5.78 -26.25
C SER A 306 2.93 -4.94 -25.41
N PHE A 307 3.47 -4.16 -24.48
CA PHE A 307 2.66 -3.29 -23.64
C PHE A 307 2.06 -2.13 -24.44
N GLN A 308 2.88 -1.53 -25.30
CA GLN A 308 2.43 -0.39 -26.10
C GLN A 308 1.41 -0.82 -27.15
N LYS A 309 1.64 -2.00 -27.73
CA LYS A 309 0.75 -2.53 -28.76
C LYS A 309 -0.60 -2.92 -28.18
N GLN A 310 -0.63 -3.25 -26.90
CA GLN A 310 -1.87 -3.65 -26.23
C GLN A 310 -2.46 -2.51 -25.40
N ASN A 311 -1.84 -1.34 -25.52
CA ASN A 311 -2.37 -0.14 -24.86
C ASN A 311 -2.40 -0.28 -23.34
N VAL A 312 -1.35 -0.87 -22.79
CA VAL A 312 -1.17 -0.87 -21.35
C VAL A 312 -0.04 0.09 -20.99
N THR A 313 -0.31 0.99 -20.05
CA THR A 313 0.63 2.04 -19.69
C THR A 313 1.95 1.47 -19.17
N ILE A 314 3.05 1.96 -19.73
CA ILE A 314 4.36 1.85 -19.09
C ILE A 314 5.01 3.23 -19.07
N MET A 315 6.13 3.35 -18.38
CA MET A 315 6.80 4.63 -18.27
C MET A 315 7.76 4.86 -19.45
N ASP A 316 7.19 5.01 -20.64
CA ASP A 316 7.96 5.49 -21.79
C ASP A 316 7.94 7.01 -21.78
N HIS A 317 8.67 7.63 -22.70
CA HIS A 317 8.83 9.08 -22.69
C HIS A 317 7.51 9.83 -22.77
N HIS A 318 6.60 9.33 -23.60
CA HIS A 318 5.28 9.94 -23.72
C HIS A 318 4.54 9.94 -22.38
N THR A 319 4.52 8.79 -21.71
CA THR A 319 3.83 8.67 -20.43
C THR A 319 4.51 9.50 -19.36
N ALA A 320 5.85 9.51 -19.38
CA ALA A 320 6.62 10.34 -18.46
C ALA A 320 6.18 11.80 -18.59
N SER A 321 6.04 12.25 -19.83
CA SER A 321 5.76 13.66 -20.10
C SER A 321 4.33 14.00 -19.70
N GLU A 322 3.40 13.16 -20.11
CA GLU A 322 1.98 13.38 -19.85
C GLU A 322 1.64 13.31 -18.36
N SER A 323 2.23 12.35 -17.65
CA SER A 323 1.98 12.21 -16.22
C SER A 323 2.60 13.38 -15.45
N PHE A 324 3.78 13.83 -15.87
CA PHE A 324 4.37 15.01 -15.25
C PHE A 324 3.55 16.25 -15.54
N MET A 325 3.03 16.34 -16.75
CA MET A 325 2.19 17.48 -17.13
C MET A 325 0.93 17.52 -16.26
N LYS A 326 0.29 16.37 -16.08
CA LYS A 326 -0.90 16.28 -15.22
C LYS A 326 -0.57 16.66 -13.79
N HIS A 327 0.55 16.14 -13.28
CA HIS A 327 1.03 16.52 -11.96
C HIS A 327 1.15 18.03 -11.86
N MET A 328 1.75 18.64 -12.87
CA MET A 328 2.08 20.06 -12.83
C MET A 328 0.84 20.94 -12.85
N GLN A 329 -0.25 20.42 -13.42
CA GLN A 329 -1.49 21.15 -13.49
C GLN A 329 -2.23 21.15 -12.15
N ASN A 330 -1.98 20.13 -11.34
CA ASN A 330 -2.62 20.02 -10.02
C ASN A 330 -2.20 21.16 -9.09
N GLU A 331 -1.26 21.99 -9.55
CA GLU A 331 -0.85 23.17 -8.81
C GLU A 331 -1.77 24.35 -9.11
N TYR A 332 -2.65 24.16 -10.10
CA TYR A 332 -3.66 25.16 -10.42
C TYR A 332 -4.93 24.92 -9.63
N VAL A 365 15.25 11.40 10.15
CA VAL A 365 14.13 10.52 9.78
C VAL A 365 13.09 11.27 8.95
N LEU A 366 12.70 10.67 7.82
CA LEU A 366 11.64 11.21 6.98
C LEU A 366 10.28 10.69 7.45
N SER A 367 9.28 11.56 7.42
CA SER A 367 7.91 11.21 7.79
C SER A 367 6.97 12.20 7.13
N PRO A 368 5.83 11.71 6.58
CA PRO A 368 5.35 10.33 6.46
C PRO A 368 6.27 9.49 5.57
N PHE A 369 6.17 8.17 5.69
CA PHE A 369 7.12 7.28 5.05
C PHE A 369 6.54 5.88 4.87
N TYR A 370 6.91 5.21 3.77
CA TYR A 370 6.56 3.81 3.56
C TYR A 370 7.69 2.91 4.05
N TYR A 371 7.37 2.04 5.01
CA TYR A 371 8.35 1.13 5.59
C TYR A 371 8.15 -0.29 5.08
N TYR A 372 9.24 -1.05 5.05
CA TYR A 372 9.12 -2.50 4.89
C TYR A 372 8.75 -3.12 6.23
N GLN A 373 8.25 -4.35 6.19
CA GLN A 373 7.86 -5.06 7.40
C GLN A 373 8.52 -6.44 7.42
N ILE A 374 8.44 -7.11 8.55
CA ILE A 374 8.88 -8.50 8.60
C ILE A 374 7.77 -9.39 8.05
N GLU A 375 8.13 -10.35 7.19
CA GLU A 375 7.13 -11.24 6.61
C GLU A 375 6.28 -11.84 7.72
N PRO A 376 4.96 -11.69 7.58
CA PRO A 376 3.99 -12.00 8.65
C PRO A 376 3.93 -13.48 9.05
N TRP A 377 4.29 -14.38 8.15
CA TRP A 377 4.32 -15.80 8.50
C TRP A 377 5.48 -16.13 9.44
N LYS A 378 6.46 -15.22 9.52
CA LYS A 378 7.57 -15.37 10.46
C LYS A 378 7.25 -14.83 11.85
N THR A 379 6.19 -14.05 11.97
CA THR A 379 5.86 -13.41 13.25
C THR A 379 4.46 -13.78 13.79
N HIS A 380 3.63 -14.39 12.95
CA HIS A 380 2.25 -14.64 13.32
C HIS A 380 2.10 -15.78 14.33
N ILE A 381 1.32 -15.54 15.38
CA ILE A 381 0.95 -16.59 16.33
C ILE A 381 -0.40 -17.19 15.93
N TRP A 382 -0.38 -18.43 15.44
CA TRP A 382 -1.59 -19.07 14.96
C TRP A 382 -2.55 -19.36 16.10
N GLN A 383 -3.84 -19.06 15.86
CA GLN A 383 -4.86 -19.22 16.89
C GLN A 383 -5.62 -20.51 16.68
N ASN A 384 -5.54 -21.07 15.47
CA ASN A 384 -6.18 -22.33 15.15
C ASN A 384 -5.80 -22.81 13.76
CHA HEM B . 9.89 1.70 -5.63
CHB HEM B . 8.42 3.24 -10.02
CHC HEM B . 4.14 4.72 -8.24
CHD HEM B . 5.98 3.95 -3.81
C1A HEM B . 9.83 1.96 -7.01
C2A HEM B . 10.80 1.48 -8.00
C3A HEM B . 10.39 1.93 -9.21
C4A HEM B . 9.14 2.65 -9.00
CMA HEM B . 11.12 1.75 -10.53
CAA HEM B . 12.02 0.64 -7.68
CBA HEM B . 11.68 -0.83 -7.83
CGA HEM B . 12.83 -1.74 -7.48
O1A HEM B . 12.62 -2.98 -7.38
O2A HEM B . 13.96 -1.22 -7.29
C1B HEM B . 7.18 3.84 -9.90
C2B HEM B . 6.40 4.25 -11.05
C3B HEM B . 5.18 4.59 -10.58
C4B HEM B . 5.23 4.47 -9.11
CMB HEM B . 6.88 4.26 -12.51
CAB HEM B . 4.05 4.75 -11.35
CBB HEM B . 3.25 5.93 -11.43
C1C HEM B . 4.25 4.55 -6.84
C2C HEM B . 3.18 4.84 -5.88
C3C HEM B . 3.72 4.70 -4.63
C4C HEM B . 5.11 4.29 -4.84
CMC HEM B . 1.73 5.10 -6.28
CAC HEM B . 3.06 4.84 -3.39
CBC HEM B . 1.90 5.71 -3.20
C1D HEM B . 7.17 3.25 -3.92
C2D HEM B . 7.93 2.75 -2.76
C3D HEM B . 9.02 2.10 -3.29
C4D HEM B . 8.88 2.14 -4.75
CMD HEM B . 7.60 2.96 -1.27
CAD HEM B . 10.30 1.75 -2.56
CBD HEM B . 11.10 3.05 -2.41
CGD HEM B . 12.46 2.84 -1.76
O1D HEM B . 13.29 3.77 -1.80
O2D HEM B . 12.70 1.74 -1.22
NA HEM B . 8.79 2.65 -7.65
NB HEM B . 6.45 3.98 -8.72
NC HEM B . 5.40 4.16 -6.20
ND HEM B . 7.75 2.86 -5.12
FE HEM B . 7.08 3.41 -6.93
C36 333 C . 7.94 -3.39 -11.19
C35 333 C . 7.67 -2.03 -11.03
O39 333 C . 6.62 -1.38 -10.45
C38 333 C . 6.95 0.02 -10.45
O37 333 C . 8.11 0.17 -11.29
C34 333 C . 8.61 -1.08 -11.50
C33 333 C . 9.80 -1.50 -12.10
C32 333 C . 10.07 -2.88 -12.25
C31 333 C . 9.14 -3.82 -11.80
O28 333 C . 9.39 -5.16 -12.03
C23 333 C . 9.02 -6.01 -11.00
N22 333 C . 8.69 -5.54 -9.76
C24 333 C . 8.96 -7.38 -11.24
C25 333 C . 8.56 -8.23 -10.20
N26 333 C . 8.25 -7.72 -9.00
C21 333 C . 8.32 -6.39 -8.77
O17 333 C . 7.96 -5.92 -7.53
C14 333 C . 7.49 -4.63 -7.55
C15 333 C . 6.15 -4.34 -7.86
C16 333 C . 5.67 -3.02 -7.84
C13 333 C . 8.37 -3.57 -7.24
C12 333 C . 7.91 -2.25 -7.21
C11 333 C . 6.55 -1.96 -7.51
N3 333 C . 6.11 -0.68 -7.47
C4 333 C . 4.87 -0.25 -7.74
C5 333 C . 4.86 1.07 -7.58
NFE 333 C . 6.08 1.46 -7.22
C2 333 C . 6.85 0.39 -7.15
C1 EDO D . 1.46 19.82 -6.71
O1 EDO D . 0.34 19.95 -5.82
C2 EDO D . 2.44 20.99 -6.48
O2 EDO D . 2.44 21.38 -5.10
C1 EDO E . -4.07 16.41 -0.42
O1 EDO E . -4.73 16.69 -1.66
C2 EDO E . -2.76 17.19 -0.35
O2 EDO E . -1.81 16.62 -1.26
C1 EDO F . 21.84 9.04 5.59
O1 EDO F . 20.60 9.52 6.13
C2 EDO F . 22.77 8.64 6.74
O2 EDO F . 22.99 9.75 7.59
C1 EDO G . 13.53 7.70 7.29
O1 EDO G . 12.89 6.63 7.98
C2 EDO G . 14.57 7.12 6.32
O2 EDO G . 15.51 8.14 5.97
#